data_2VIW
#
_entry.id   2VIW
#
_cell.length_a   52.336
_cell.length_b   54.118
_cell.length_c   80.526
_cell.angle_alpha   90.00
_cell.angle_beta   90.00
_cell.angle_gamma   90.00
#
_symmetry.space_group_name_H-M   'P 21 21 21'
#
loop_
_entity.id
_entity.type
_entity.pdbx_description
1 polymer 'UROKINASE-TYPE PLASMINOGEN ACTIVATOR CHAIN B'
2 non-polymer 'ACETATE ION'
3 non-polymer 4-(2-aminoethoxy)-N-(3-chloro-2-ethoxy-5-piperidin-1-ylphenyl)-3,5-dimethylbenzamide
4 water water
#
_entity_poly.entity_id   1
_entity_poly.type   'polypeptide(L)'
_entity_poly.pdbx_seq_one_letter_code
;IIGGEFTTIENQPWFAAIYRRHRGGSVTYVCGGSLISPCWVISATHCFIDYPKKEDYIVYLGRSRLNSNTQGEMKFEVEN
LILHKDYSADTLAHHNDIALLKIRSKEGRCAQPSRTIQTISLPSMYNDPQFGTSCEITGFGKENSTDYLYPEQLKMTVVK
LISHRECQQPHYYGSEVTTKMLCAADPQWKTDSCQGDSGGPLVCSLQGRMTLTGIVSWGRGCALKDKPGVYTRVSHFLPW
IRSHTKEENGLAL
;
_entity_poly.pdbx_strand_id   A
#
loop_
_chem_comp.id
_chem_comp.type
_chem_comp.name
_chem_comp.formula
ACT non-polymer 'ACETATE ION' 'C2 H3 O2 -1'
D56 non-polymer 4-(2-aminoethoxy)-N-(3-chloro-2-ethoxy-5-piperidin-1-ylphenyl)-3,5-dimethylbenzamide 'C24 H32 Cl N3 O3'
#
# COMPACT_ATOMS: atom_id res chain seq x y z
N ILE A 1 -2.00 -11.04 1.94
CA ILE A 1 -2.36 -11.02 3.37
C ILE A 1 -2.43 -12.46 3.94
N ILE A 2 -1.50 -12.80 4.85
CA ILE A 2 -1.57 -14.10 5.54
C ILE A 2 -2.69 -13.93 6.56
N GLY A 3 -3.57 -14.91 6.75
CA GLY A 3 -4.66 -14.76 7.73
C GLY A 3 -5.71 -13.67 7.38
N GLY A 4 -6.35 -13.12 8.41
CA GLY A 4 -7.34 -12.04 8.27
C GLY A 4 -8.55 -12.55 7.53
N GLU A 5 -9.27 -11.69 6.82
CA GLU A 5 -10.57 -12.08 6.19
C GLU A 5 -10.66 -11.54 4.78
N PHE A 6 -11.50 -12.14 3.98
CA PHE A 6 -11.88 -11.53 2.72
C PHE A 6 -12.81 -10.35 3.01
N THR A 7 -12.83 -9.38 2.09
CA THR A 7 -13.55 -8.12 2.26
C THR A 7 -14.05 -7.68 0.87
N THR A 8 -14.69 -6.52 0.76
CA THR A 8 -15.08 -5.99 -0.54
C THR A 8 -14.66 -4.55 -0.59
N ILE A 9 -14.61 -3.98 -1.79
CA ILE A 9 -14.25 -2.61 -1.98
C ILE A 9 -14.99 -1.52 -1.13
N GLU A 10 -16.29 -1.74 -0.89
CA GLU A 10 -17.13 -0.86 -0.03
C GLU A 10 -16.59 -0.69 1.38
N ASN A 11 -15.83 -1.68 1.85
CA ASN A 11 -15.14 -1.61 3.15
C ASN A 11 -13.78 -0.93 3.10
N GLN A 12 -13.28 -0.68 1.88
CA GLN A 12 -11.93 -0.16 1.71
C GLN A 12 -11.97 0.67 0.47
N PRO A 13 -12.84 1.69 0.40
CA PRO A 13 -13.15 2.40 -0.85
C PRO A 13 -12.02 3.26 -1.43
N TRP A 14 -10.92 3.38 -0.69
CA TRP A 14 -9.71 4.10 -1.14
C TRP A 14 -8.64 3.15 -1.75
N PHE A 15 -8.85 1.84 -1.72
CA PHE A 15 -7.80 0.90 -2.17
C PHE A 15 -7.78 0.91 -3.71
N ALA A 16 -6.59 1.09 -4.30
CA ALA A 16 -6.43 1.07 -5.77
C ALA A 16 -5.70 -0.23 -6.13
N ALA A 17 -6.13 -0.84 -7.22
CA ALA A 17 -5.50 -2.09 -7.75
C ALA A 17 -4.71 -1.72 -9.02
N ILE A 18 -3.39 -1.95 -8.99
CA ILE A 18 -2.50 -1.42 -9.99
C ILE A 18 -1.91 -2.57 -10.74
N TYR A 19 -2.14 -2.58 -12.06
CA TYR A 19 -1.71 -3.68 -12.97
C TYR A 19 -0.70 -3.18 -14.00
N ARG A 20 0.03 -4.12 -14.60
CA ARG A 20 0.96 -3.83 -15.70
C ARG A 20 0.57 -4.61 -16.95
N ARG A 21 0.41 -3.90 -18.07
CA ARG A 21 0.23 -4.57 -19.36
C ARG A 21 1.55 -4.94 -20.01
N HIS A 22 1.59 -6.11 -20.64
CA HIS A 22 2.77 -6.56 -21.37
C HIS A 22 2.55 -6.62 -22.90
N ARG A 23 3.66 -6.45 -23.63
CA ARG A 23 3.67 -6.81 -25.05
C ARG A 23 3.14 -8.23 -25.25
N GLY A 24 2.11 -8.36 -26.07
CA GLY A 24 1.39 -9.61 -26.23
C GLY A 24 -0.06 -9.45 -25.79
N GLY A 25 -0.29 -8.51 -24.87
CA GLY A 25 -1.62 -8.26 -24.37
C GLY A 25 -1.98 -8.86 -23.01
N SER A 26 -1.02 -9.51 -22.36
CA SER A 26 -1.29 -9.98 -21.00
C SER A 26 -1.23 -8.76 -20.06
N VAL A 27 -2.05 -8.77 -19.00
CA VAL A 27 -1.96 -7.82 -17.87
C VAL A 27 -1.70 -8.56 -16.55
N THR A 28 -0.69 -8.16 -15.80
CA THR A 28 -0.53 -8.73 -14.47
C THR A 28 -0.81 -7.71 -13.33
N TYR A 29 -1.17 -8.23 -12.16
CA TYR A 29 -1.22 -7.39 -10.95
C TYR A 29 0.13 -7.02 -10.36
N VAL A 30 0.36 -5.73 -10.16
CA VAL A 30 1.63 -5.23 -9.62
C VAL A 30 1.60 -5.08 -8.10
N CYS A 31 0.76 -4.16 -7.61
CA CYS A 31 0.82 -3.73 -6.20
C CYS A 31 -0.48 -3.07 -5.88
N GLY A 32 -0.72 -2.82 -4.61
CA GLY A 32 -1.87 -2.02 -4.25
C GLY A 32 -1.53 -0.52 -4.25
N GLY A 33 -2.53 0.29 -3.94
CA GLY A 33 -2.39 1.72 -3.77
C GLY A 33 -3.55 2.25 -2.94
N SER A 34 -3.45 3.53 -2.59
CA SER A 34 -4.50 4.23 -1.88
C SER A 34 -4.86 5.51 -2.59
N LEU A 35 -6.16 5.78 -2.75
CA LEU A 35 -6.60 7.04 -3.34
C LEU A 35 -6.56 8.13 -2.28
N ILE A 36 -5.75 9.17 -2.52
CA ILE A 36 -5.54 10.25 -1.54
C ILE A 36 -6.17 11.57 -1.97
N SER A 37 -6.36 11.72 -3.27
CA SER A 37 -7.29 12.72 -3.81
C SER A 37 -7.84 12.26 -5.16
N PRO A 38 -8.93 12.89 -5.64
CA PRO A 38 -9.50 12.25 -6.84
C PRO A 38 -8.54 11.95 -8.02
N CYS A 39 -7.48 12.73 -8.16
CA CYS A 39 -6.47 12.53 -9.24
C CYS A 39 -5.20 11.75 -8.80
N TRP A 40 -5.01 11.53 -7.52
CA TRP A 40 -3.77 11.02 -7.03
C TRP A 40 -3.88 9.71 -6.22
N VAL A 41 -3.22 8.65 -6.69
CA VAL A 41 -2.99 7.44 -5.91
C VAL A 41 -1.55 7.43 -5.37
N ILE A 42 -1.37 6.90 -4.16
CA ILE A 42 -0.06 6.82 -3.52
C ILE A 42 0.28 5.35 -3.24
N SER A 43 1.52 4.98 -3.53
CA SER A 43 1.88 3.57 -3.51
C SER A 43 3.36 3.50 -3.17
N ALA A 44 4.05 2.42 -3.56
CA ALA A 44 5.48 2.24 -3.20
C ALA A 44 6.34 2.29 -4.44
N THR A 45 7.43 3.05 -4.39
CA THR A 45 8.37 3.07 -5.49
C THR A 45 8.92 1.68 -5.87
N HIS A 46 9.16 0.77 -4.93
CA HIS A 46 9.85 -0.45 -5.33
C HIS A 46 8.94 -1.27 -6.27
N CYS A 47 7.66 -0.91 -6.32
CA CYS A 47 6.74 -1.59 -7.22
C CYS A 47 7.01 -1.26 -8.69
N PHE A 48 7.65 -0.14 -8.91
CA PHE A 48 7.67 0.40 -10.29
C PHE A 48 9.11 0.64 -10.77
N ILE A 49 10.09 0.58 -9.86
CA ILE A 49 11.44 1.08 -10.11
C ILE A 49 12.12 0.45 -11.36
N ASP A 50 11.83 -0.84 -11.59
CA ASP A 50 12.32 -1.60 -12.76
C ASP A 50 11.61 -1.32 -14.05
N TYR A 51 10.43 -0.73 -13.95
CA TYR A 51 9.54 -0.52 -15.11
C TYR A 51 8.85 0.83 -15.00
N PRO A 52 9.64 1.93 -15.01
CA PRO A 52 9.11 3.29 -14.74
C PRO A 52 8.28 3.94 -15.84
N LYS A 53 7.86 3.13 -16.81
CA LYS A 53 7.13 3.59 -18.00
C LYS A 53 5.62 3.69 -17.73
N LYS A 54 5.18 4.90 -17.37
CA LYS A 54 3.81 5.12 -16.91
C LYS A 54 2.80 4.56 -17.90
N GLU A 55 3.21 4.46 -19.15
CA GLU A 55 2.30 3.95 -20.19
C GLU A 55 1.91 2.47 -19.95
N ASP A 56 2.75 1.72 -19.23
CA ASP A 56 2.56 0.25 -19.04
C ASP A 56 1.46 -0.08 -18.00
N TYR A 57 0.98 0.96 -17.31
CA TYR A 57 0.15 0.75 -16.11
C TYR A 57 -1.32 1.01 -16.24
N ILE A 58 -2.08 0.24 -15.46
CA ILE A 58 -3.54 0.38 -15.34
C ILE A 58 -3.90 0.44 -13.84
N VAL A 59 -4.79 1.38 -13.47
CA VAL A 59 -5.20 1.53 -12.08
C VAL A 59 -6.69 1.33 -12.03
N TYR A 60 -7.17 0.37 -11.24
CA TYR A 60 -8.60 0.27 -10.95
C TYR A 60 -8.97 0.84 -9.59
N LEU A 61 -10.13 1.47 -9.54
CA LEU A 61 -10.71 1.88 -8.28
C LEU A 61 -12.08 1.25 -8.26
N GLY A 62 -12.61 1.06 -7.06
CA GLY A 62 -13.92 0.44 -6.88
C GLY A 62 -13.91 -1.03 -7.25
N ARG A 63 -12.72 -1.63 -7.23
CA ARG A 63 -12.56 -3.04 -7.61
C ARG A 63 -12.32 -4.02 -6.47
N SER A 64 -13.11 -5.09 -6.39
CA SER A 64 -13.02 -6.07 -5.26
C SER A 64 -12.37 -7.40 -5.64
N ARG A 65 -12.35 -7.67 -6.94
CA ARG A 65 -11.84 -8.93 -7.45
C ARG A 65 -10.66 -8.77 -8.41
N LEU A 66 -9.68 -9.66 -8.28
CA LEU A 66 -8.45 -9.55 -9.03
C LEU A 66 -8.65 -9.57 -10.54
N ASN A 67 -9.38 -10.55 -11.05
CA ASN A 67 -9.33 -10.76 -12.49
C ASN A 67 -10.66 -10.63 -13.17
N SER A 68 -11.65 -10.20 -12.40
CA SER A 68 -12.94 -9.93 -13.00
C SER A 68 -13.46 -8.53 -12.64
N ASN A 69 -14.55 -8.13 -13.31
CA ASN A 69 -15.18 -6.81 -13.13
C ASN A 69 -16.02 -6.75 -11.85
N THR A 70 -15.93 -5.62 -11.15
CA THR A 70 -16.82 -5.35 -10.02
C THR A 70 -17.74 -4.22 -10.49
N GLN A 71 -18.95 -4.17 -9.96
CA GLN A 71 -19.90 -3.16 -10.37
C GLN A 71 -19.47 -1.84 -9.74
N GLY A 72 -19.50 -0.78 -10.54
CA GLY A 72 -19.12 0.57 -10.10
C GLY A 72 -17.62 0.88 -10.15
N GLU A 73 -16.83 -0.08 -10.61
CA GLU A 73 -15.40 0.09 -10.79
C GLU A 73 -15.10 1.08 -11.93
N MET A 74 -13.96 1.76 -11.80
CA MET A 74 -13.47 2.71 -12.81
C MET A 74 -12.00 2.41 -13.16
N LYS A 75 -11.68 2.57 -14.45
CA LYS A 75 -10.36 2.26 -15.01
C LYS A 75 -9.60 3.51 -15.42
N PHE A 76 -8.34 3.59 -14.97
CA PHE A 76 -7.55 4.76 -15.16
C PHE A 76 -6.25 4.42 -15.88
N GLU A 77 -5.72 5.40 -16.60
CA GLU A 77 -4.33 5.35 -17.08
C GLU A 77 -3.52 6.19 -16.14
N VAL A 78 -2.22 6.03 -16.22
CA VAL A 78 -1.33 6.81 -15.38
C VAL A 78 -0.74 7.97 -16.17
N GLU A 79 -1.18 9.21 -15.84
CA GLU A 79 -0.80 10.45 -16.56
C GLU A 79 0.56 10.88 -16.13
N ASN A 80 0.84 10.73 -14.84
CA ASN A 80 2.15 10.98 -14.28
C ASN A 80 2.57 9.94 -13.17
N LEU A 81 3.66 9.21 -13.43
CA LEU A 81 4.34 8.27 -12.48
C LEU A 81 5.55 8.87 -11.78
N ILE A 82 5.42 9.18 -10.50
CA ILE A 82 6.45 9.90 -9.80
C ILE A 82 7.01 9.00 -8.72
N LEU A 83 8.31 8.72 -8.84
CA LEU A 83 9.07 7.87 -7.90
C LEU A 83 9.93 8.73 -6.98
N HIS A 84 10.16 8.29 -5.75
CA HIS A 84 10.99 9.12 -4.86
C HIS A 84 12.45 9.08 -5.36
N LYS A 85 13.09 10.24 -5.49
CA LYS A 85 14.44 10.30 -6.08
C LYS A 85 15.50 9.65 -5.19
N ASP A 86 15.26 9.59 -3.89
CA ASP A 86 16.23 9.00 -2.95
C ASP A 86 15.85 7.56 -2.62
N TYR A 87 15.00 6.94 -3.44
CA TYR A 87 14.65 5.55 -3.14
C TYR A 87 15.93 4.73 -3.14
N SER A 88 16.01 3.72 -2.29
CA SER A 88 17.04 2.70 -2.51
C SER A 88 16.63 1.49 -1.74
N ALA A 89 17.25 0.36 -2.10
CA ALA A 89 16.99 -0.90 -1.37
C ALA A 89 18.28 -1.54 -0.88
N ASP A 90 18.19 -2.18 0.28
CA ASP A 90 19.31 -2.91 0.82
C ASP A 90 18.92 -4.38 0.71
N THR A 91 19.54 -5.21 1.54
CA THR A 91 19.24 -6.66 1.62
C THR A 91 17.74 -6.82 1.92
N LEU A 92 17.29 -6.04 2.89
CA LEU A 92 15.94 -6.23 3.41
C LEU A 92 15.16 -4.93 3.21
N ALA A 93 15.68 -3.86 3.77
CA ALA A 93 15.03 -2.57 3.77
C ALA A 93 14.89 -1.89 2.42
N HIS A 94 13.77 -1.17 2.24
CA HIS A 94 13.58 -0.23 1.15
C HIS A 94 13.46 1.11 1.84
N HIS A 95 14.09 2.10 1.24
CA HIS A 95 14.20 3.43 1.82
C HIS A 95 13.47 4.39 0.88
N ASN A 96 12.73 5.30 1.47
CA ASN A 96 11.93 6.29 0.75
C ASN A 96 11.05 5.56 -0.23
N ASP A 97 10.41 4.49 0.23
CA ASP A 97 9.65 3.62 -0.65
C ASP A 97 8.21 4.17 -0.81
N ILE A 98 8.07 5.21 -1.66
CA ILE A 98 6.80 5.93 -1.77
C ILE A 98 6.67 6.40 -3.20
N ALA A 99 5.48 6.30 -3.81
CA ALA A 99 5.32 6.85 -5.17
C ALA A 99 3.94 7.46 -5.39
N LEU A 100 3.82 8.41 -6.31
CA LEU A 100 2.54 8.96 -6.67
C LEU A 100 2.16 8.58 -8.10
N LEU A 101 0.89 8.21 -8.29
CA LEU A 101 0.42 7.92 -9.62
C LEU A 101 -0.69 8.89 -9.85
N LYS A 102 -0.48 9.81 -10.80
CA LYS A 102 -1.58 10.68 -11.18
C LYS A 102 -2.39 9.93 -12.18
N ILE A 103 -3.71 9.88 -11.96
CA ILE A 103 -4.60 9.02 -12.76
C ILE A 103 -5.56 9.81 -13.65
N ARG A 104 -6.03 9.15 -14.71
CA ARG A 104 -7.10 9.72 -15.57
C ARG A 104 -7.88 8.66 -16.29
N SER A 105 -9.18 8.85 -16.35
CA SER A 105 -10.02 7.91 -17.10
C SER A 105 -9.65 8.15 -18.56
N LYS A 106 -10.02 7.22 -19.44
CA LYS A 106 -9.92 7.46 -20.88
C LYS A 106 -10.64 8.73 -21.38
N GLU A 107 -11.67 9.22 -20.66
CA GLU A 107 -12.33 10.50 -20.99
C GLU A 107 -11.65 11.73 -20.37
N GLY A 108 -10.47 11.55 -19.77
CA GLY A 108 -9.64 12.66 -19.34
C GLY A 108 -9.89 13.13 -17.91
N ARG A 109 -10.78 12.44 -17.20
CA ARG A 109 -11.14 12.80 -15.82
C ARG A 109 -10.46 12.06 -14.61
N CYS A 110 -10.59 12.68 -13.43
CA CYS A 110 -10.01 12.14 -12.19
C CYS A 110 -11.09 11.30 -11.58
N ALA A 111 -10.84 10.70 -10.41
CA ALA A 111 -11.80 9.74 -9.86
C ALA A 111 -13.13 10.45 -9.53
N GLN A 112 -14.26 9.80 -9.80
CA GLN A 112 -15.58 10.26 -9.33
C GLN A 112 -16.02 9.46 -8.09
N PRO A 113 -16.16 10.12 -6.95
CA PRO A 113 -16.48 9.40 -5.71
C PRO A 113 -17.90 8.81 -5.70
N SER A 114 -18.05 7.72 -4.97
CA SER A 114 -19.25 6.93 -4.99
C SER A 114 -19.19 6.16 -3.68
N ARG A 115 -20.09 5.22 -3.49
CA ARG A 115 -20.08 4.39 -2.28
C ARG A 115 -18.82 3.50 -2.26
N THR A 116 -18.28 3.17 -3.44
CA THR A 116 -17.14 2.25 -3.57
C THR A 116 -15.81 2.90 -3.95
N ILE A 117 -15.78 4.24 -3.94
CA ILE A 117 -14.61 4.99 -4.33
C ILE A 117 -14.61 6.29 -3.48
N GLN A 118 -13.71 6.33 -2.53
CA GLN A 118 -13.57 7.47 -1.65
C GLN A 118 -12.08 7.64 -1.37
N THR A 119 -11.69 8.88 -1.05
CA THR A 119 -10.32 9.19 -0.68
C THR A 119 -10.02 8.77 0.75
N ILE A 120 -8.74 8.55 1.07
CA ILE A 120 -8.30 8.32 2.46
C ILE A 120 -7.49 9.52 2.93
N SER A 121 -7.76 9.97 4.15
CA SER A 121 -7.07 11.14 4.69
C SER A 121 -5.59 10.88 4.91
N LEU A 122 -4.79 11.95 4.85
CA LEU A 122 -3.38 11.83 5.16
C LEU A 122 -3.15 12.17 6.63
N PRO A 123 -2.04 11.71 7.17
CA PRO A 123 -1.89 12.03 8.60
C PRO A 123 -1.31 13.45 8.68
N SER A 124 -1.24 14.03 9.88
CA SER A 124 -0.50 15.29 10.05
C SER A 124 0.97 15.01 10.39
N MET A 125 1.83 15.99 10.11
CA MET A 125 3.27 15.87 10.36
C MET A 125 3.71 15.18 11.65
N TYR A 126 4.52 14.13 11.50
CA TYR A 126 5.05 13.37 12.65
C TYR A 126 3.97 13.04 13.70
N ASN A 127 2.78 12.65 13.22
CA ASN A 127 1.63 12.40 14.09
C ASN A 127 1.07 11.00 13.90
N ASP A 128 1.66 10.03 14.60
CA ASP A 128 1.24 8.63 14.45
C ASP A 128 0.55 8.06 15.67
N PRO A 129 -0.26 7.03 15.46
CA PRO A 129 -0.82 6.44 16.67
C PRO A 129 0.32 5.93 17.59
N GLN A 130 -0.01 5.70 18.85
CA GLN A 130 0.95 5.10 19.76
C GLN A 130 1.12 3.57 19.53
N PHE A 131 2.25 3.02 19.90
CA PHE A 131 2.46 1.61 19.70
C PHE A 131 1.46 0.76 20.49
N GLY A 132 1.04 -0.36 19.92
CA GLY A 132 -0.05 -1.13 20.52
C GLY A 132 -1.39 -0.83 19.85
N THR A 133 -1.46 0.28 19.11
CA THR A 133 -2.72 0.64 18.38
C THR A 133 -2.99 -0.38 17.31
N SER A 134 -4.26 -0.72 17.12
CA SER A 134 -4.64 -1.61 16.02
C SER A 134 -4.87 -0.81 14.77
N CYS A 135 -4.35 -1.31 13.64
CA CYS A 135 -4.61 -0.71 12.33
C CYS A 135 -4.91 -1.83 11.35
N GLU A 136 -5.53 -1.49 10.23
CA GLU A 136 -5.88 -2.50 9.22
C GLU A 136 -4.95 -2.35 8.00
N ILE A 137 -4.72 -3.48 7.33
CA ILE A 137 -4.11 -3.48 5.98
C ILE A 137 -5.06 -4.21 5.02
N THR A 138 -4.89 -3.93 3.72
CA THR A 138 -5.72 -4.45 2.65
C THR A 138 -4.80 -4.80 1.52
N GLY A 139 -5.13 -5.86 0.77
CA GLY A 139 -4.32 -6.28 -0.34
C GLY A 139 -4.83 -7.50 -1.08
N PHE A 140 -4.33 -7.66 -2.32
CA PHE A 140 -4.46 -8.92 -3.06
C PHE A 140 -3.21 -9.80 -2.97
N GLY A 141 -2.39 -9.52 -1.98
CA GLY A 141 -1.15 -10.25 -1.87
C GLY A 141 -1.33 -11.72 -1.56
N LYS A 142 -0.21 -12.43 -1.51
CA LYS A 142 -0.24 -13.88 -1.26
C LYS A 142 -0.98 -14.22 0.05
N GLU A 143 -1.71 -15.34 0.10
CA GLU A 143 -2.28 -15.85 1.36
C GLU A 143 -1.38 -16.74 2.18
N ASN A 144 -0.35 -17.31 1.55
CA ASN A 144 0.69 -18.15 2.22
C ASN A 144 1.94 -17.90 1.40
N SER A 145 3.06 -17.80 2.08
CA SER A 145 4.36 -17.69 1.41
C SER A 145 4.59 -18.68 0.24
N THR A 146 4.12 -19.93 0.37
CA THR A 146 4.30 -20.90 -0.69
C THR A 146 3.43 -20.69 -1.94
N ASP A 147 2.49 -19.75 -1.91
CA ASP A 147 1.60 -19.64 -3.06
C ASP A 147 2.39 -19.02 -4.18
N TYR A 148 1.91 -19.20 -5.40
CA TYR A 148 2.60 -18.54 -6.49
C TYR A 148 1.63 -17.68 -7.25
N LEU A 149 0.37 -17.78 -6.88
CA LEU A 149 -0.67 -16.94 -7.44
C LEU A 149 -1.26 -16.14 -6.31
N TYR A 150 -1.84 -14.99 -6.64
CA TYR A 150 -2.55 -14.14 -5.69
C TYR A 150 -4.03 -14.57 -5.54
N PRO A 151 -4.63 -14.31 -4.37
CA PRO A 151 -6.10 -14.48 -4.20
C PRO A 151 -6.95 -13.68 -5.19
N GLU A 152 -8.16 -14.18 -5.43
CA GLU A 152 -9.01 -13.57 -6.44
C GLU A 152 -9.91 -12.57 -5.74
N GLN A 153 -10.01 -12.71 -4.43
CA GLN A 153 -10.81 -11.78 -3.69
C GLN A 153 -9.95 -10.88 -2.77
N LEU A 154 -10.24 -9.58 -2.78
CA LEU A 154 -9.55 -8.65 -1.87
C LEU A 154 -9.54 -9.19 -0.41
N LYS A 155 -8.47 -8.88 0.32
CA LYS A 155 -8.43 -9.22 1.74
C LYS A 155 -8.06 -8.08 2.69
N MET A 156 -8.33 -8.30 3.97
CA MET A 156 -7.88 -7.37 4.99
C MET A 156 -7.49 -8.14 6.24
N THR A 157 -6.75 -7.47 7.12
CA THR A 157 -6.49 -7.96 8.47
C THR A 157 -6.13 -6.78 9.36
N VAL A 158 -6.01 -7.07 10.66
CA VAL A 158 -5.76 -6.07 11.66
C VAL A 158 -4.46 -6.45 12.31
N VAL A 159 -3.54 -5.49 12.39
CA VAL A 159 -2.23 -5.78 12.95
C VAL A 159 -1.98 -4.69 13.99
N LYS A 160 -0.96 -4.88 14.82
CA LYS A 160 -0.67 -3.92 15.86
C LYS A 160 0.63 -3.19 15.60
N LEU A 161 0.56 -1.91 15.88
CA LEU A 161 1.69 -1.05 15.64
C LEU A 161 2.80 -1.39 16.64
N ILE A 162 4.03 -1.57 16.16
CA ILE A 162 5.14 -1.98 17.03
C ILE A 162 6.11 -0.81 17.24
N SER A 163 6.61 -0.66 18.47
CA SER A 163 7.50 0.47 18.76
C SER A 163 8.81 0.34 17.96
N HIS A 164 9.44 1.47 17.61
CA HIS A 164 10.80 1.45 17.06
C HIS A 164 11.79 0.70 17.94
N ARG A 165 11.66 0.90 19.24
CA ARG A 165 12.48 0.19 20.22
C ARG A 165 12.48 -1.36 20.05
N GLU A 166 11.29 -1.94 19.94
CA GLU A 166 11.14 -3.38 19.75
C GLU A 166 11.61 -3.74 18.35
N CYS A 167 11.26 -2.91 17.35
CA CYS A 167 11.61 -3.21 15.97
C CYS A 167 13.10 -3.28 15.66
N GLN A 168 13.87 -2.50 16.40
CA GLN A 168 15.30 -2.32 16.16
C GLN A 168 16.17 -3.18 17.09
N GLN A 169 15.56 -4.11 17.79
CA GLN A 169 16.40 -5.10 18.43
C GLN A 169 17.02 -5.99 17.38
N PRO A 170 18.27 -6.42 17.61
CA PRO A 170 19.05 -7.47 16.93
C PRO A 170 18.24 -8.60 16.29
N HIS A 171 17.35 -9.22 17.05
CA HIS A 171 16.68 -10.42 16.55
C HIS A 171 15.51 -10.02 15.63
N TYR A 172 15.06 -8.76 15.76
CA TYR A 172 14.10 -8.14 14.85
C TYR A 172 14.87 -7.62 13.64
N TYR A 173 15.00 -6.30 13.50
CA TYR A 173 15.67 -5.73 12.35
C TYR A 173 16.88 -4.83 12.67
N GLY A 174 17.30 -4.75 13.93
CA GLY A 174 18.51 -3.99 14.20
C GLY A 174 18.28 -2.59 13.71
N SER A 175 19.34 -1.91 13.29
CA SER A 175 19.22 -0.57 12.73
C SER A 175 18.71 -0.53 11.29
N GLU A 176 18.16 -1.64 10.78
CA GLU A 176 17.72 -1.65 9.36
C GLU A 176 16.45 -0.81 9.23
N VAL A 177 15.64 -0.83 10.28
CA VAL A 177 14.44 0.03 10.41
C VAL A 177 14.85 1.41 10.85
N THR A 178 14.38 2.43 10.13
CA THR A 178 14.73 3.81 10.41
C THR A 178 13.49 4.51 10.96
N THR A 179 13.66 5.79 11.32
CA THR A 179 12.59 6.65 11.79
C THR A 179 11.56 6.96 10.71
N LYS A 180 11.93 6.82 9.44
CA LYS A 180 10.94 7.09 8.37
C LYS A 180 10.17 5.81 8.01
N MET A 181 10.31 4.80 8.84
CA MET A 181 9.55 3.56 8.71
C MET A 181 8.74 3.25 9.95
N LEU A 182 7.75 2.35 9.79
CA LEU A 182 6.89 1.94 10.89
C LEU A 182 6.75 0.42 10.78
N CYS A 183 6.84 -0.30 11.91
CA CYS A 183 6.52 -1.76 12.00
C CYS A 183 5.15 -2.03 12.59
N ALA A 184 4.55 -3.10 12.12
CA ALA A 184 3.24 -3.54 12.58
C ALA A 184 3.23 -5.06 12.41
N ALA A 185 2.70 -5.75 13.40
CA ALA A 185 2.59 -7.22 13.30
C ALA A 185 1.43 -7.72 14.19
N ASP A 186 1.09 -9.00 14.01
CA ASP A 186 0.23 -9.74 14.92
C ASP A 186 1.03 -10.16 16.15
N PRO A 187 0.48 -9.98 17.37
CA PRO A 187 1.33 -10.44 18.51
C PRO A 187 1.60 -11.94 18.47
N GLN A 188 0.72 -12.69 17.83
CA GLN A 188 0.94 -14.14 17.73
C GLN A 188 1.50 -14.61 16.40
N TRP A 189 1.99 -13.64 15.64
CA TRP A 189 2.68 -13.90 14.39
C TRP A 189 1.83 -14.67 13.41
N LYS A 190 0.52 -14.50 13.49
CA LYS A 190 -0.38 -15.32 12.69
C LYS A 190 -0.95 -14.70 11.44
N THR A 191 -0.95 -13.37 11.38
CA THR A 191 -1.45 -12.66 10.22
C THR A 191 -0.43 -11.57 9.88
N ASP A 192 -0.37 -11.18 8.60
CA ASP A 192 0.65 -10.27 8.09
C ASP A 192 0.35 -9.79 6.66
N SER A 193 1.07 -8.77 6.20
CA SER A 193 1.10 -8.48 4.75
C SER A 193 2.09 -9.51 4.13
N CYS A 194 2.10 -9.64 2.80
CA CYS A 194 2.99 -10.59 2.15
C CYS A 194 3.15 -10.12 0.72
N GLN A 195 4.03 -10.81 -0.03
CA GLN A 195 4.30 -10.38 -1.40
C GLN A 195 3.03 -10.11 -2.19
N GLY A 196 2.96 -8.93 -2.83
CA GLY A 196 1.75 -8.53 -3.56
C GLY A 196 0.96 -7.46 -2.82
N ASP A 197 1.19 -7.36 -1.50
CA ASP A 197 0.51 -6.38 -0.64
C ASP A 197 1.15 -4.98 -0.69
N SER A 198 2.38 -4.95 -1.20
CA SER A 198 3.20 -3.77 -1.31
C SER A 198 2.47 -2.64 -1.98
N GLY A 199 2.73 -1.44 -1.51
CA GLY A 199 2.08 -0.30 -2.10
C GLY A 199 0.73 0.01 -1.49
N GLY A 200 0.06 -0.98 -0.92
CA GLY A 200 -1.24 -0.73 -0.31
C GLY A 200 -1.17 -0.12 1.08
N PRO A 201 -2.34 0.18 1.68
CA PRO A 201 -2.51 1.00 2.88
C PRO A 201 -2.45 0.27 4.20
N LEU A 202 -1.72 0.88 5.12
CA LEU A 202 -1.92 0.66 6.54
C LEU A 202 -2.78 1.79 7.10
N VAL A 203 -4.05 1.48 7.33
CA VAL A 203 -5.03 2.47 7.84
C VAL A 203 -5.22 2.40 9.35
N CYS A 204 -4.97 3.53 10.04
CA CYS A 204 -5.20 3.65 11.49
C CYS A 204 -6.31 4.66 11.78
N SER A 205 -7.24 4.26 12.63
CA SER A 205 -8.32 5.16 13.07
C SER A 205 -7.73 6.15 14.10
N LEU A 206 -7.47 7.35 13.62
CA LEU A 206 -6.69 8.34 14.35
C LEU A 206 -7.52 9.58 14.61
N GLN A 207 -7.82 9.80 15.88
CA GLN A 207 -8.49 11.01 16.33
C GLN A 207 -9.77 11.17 15.57
N GLY A 208 -10.53 10.08 15.56
CA GLY A 208 -11.86 10.06 14.99
C GLY A 208 -11.77 10.22 13.49
N ARG A 209 -10.77 9.59 12.88
CA ARG A 209 -10.62 9.70 11.45
C ARG A 209 -9.82 8.56 10.84
N MET A 210 -10.26 8.03 9.68
CA MET A 210 -9.52 6.99 8.98
C MET A 210 -8.29 7.58 8.24
N THR A 211 -7.10 7.10 8.60
CA THR A 211 -5.90 7.83 8.24
C THR A 211 -4.86 6.93 7.61
N LEU A 212 -4.21 7.46 6.57
CA LEU A 212 -3.18 6.65 5.94
C LEU A 212 -1.87 6.74 6.68
N THR A 213 -1.69 5.80 7.60
CA THR A 213 -0.54 5.82 8.48
C THR A 213 0.67 5.19 7.77
N GLY A 214 0.39 4.22 6.90
CA GLY A 214 1.48 3.44 6.32
C GLY A 214 1.21 3.00 4.89
N ILE A 215 2.26 2.57 4.23
CA ILE A 215 2.24 1.99 2.87
C ILE A 215 3.08 0.76 2.99
N VAL A 216 2.51 -0.37 2.62
CA VAL A 216 3.22 -1.63 2.71
C VAL A 216 4.57 -1.59 2.04
N SER A 217 5.63 -1.85 2.78
CA SER A 217 6.98 -1.71 2.20
C SER A 217 7.85 -2.95 2.10
N TRP A 218 8.20 -3.51 3.26
CA TRP A 218 9.09 -4.66 3.27
C TRP A 218 8.94 -5.50 4.51
N GLY A 219 9.55 -6.68 4.47
CA GLY A 219 9.69 -7.53 5.63
C GLY A 219 10.55 -8.76 5.37
N ARG A 220 10.86 -9.52 6.41
CA ARG A 220 11.55 -10.80 6.25
C ARG A 220 10.48 -11.88 6.27
N GLY A 221 10.20 -12.45 5.12
CA GLY A 221 9.14 -13.43 4.97
C GLY A 221 7.78 -12.82 5.30
N CYS A 222 6.82 -13.69 5.62
CA CYS A 222 5.45 -13.28 5.93
C CYS A 222 4.92 -14.02 7.16
N ALA A 223 4.51 -13.26 8.19
CA ALA A 223 4.03 -13.82 9.48
C ALA A 223 5.07 -14.71 10.19
N LEU A 224 6.35 -14.27 10.14
CA LEU A 224 7.46 -14.91 10.83
C LEU A 224 7.69 -14.26 12.18
N LYS A 225 7.81 -15.09 13.21
CA LYS A 225 8.12 -14.63 14.56
C LYS A 225 9.26 -13.60 14.53
N ASP A 226 9.08 -12.43 15.13
CA ASP A 226 10.16 -11.46 15.34
C ASP A 226 10.52 -10.78 14.04
N LYS A 227 9.63 -10.87 13.06
CA LYS A 227 9.85 -10.26 11.77
C LYS A 227 8.57 -9.53 11.31
N PRO A 228 8.35 -8.35 11.88
CA PRO A 228 7.15 -7.56 11.56
C PRO A 228 7.20 -7.04 10.13
N GLY A 229 6.00 -6.70 9.60
CA GLY A 229 5.80 -6.04 8.33
C GLY A 229 6.40 -4.67 8.54
N VAL A 230 7.08 -4.14 7.52
CA VAL A 230 7.58 -2.77 7.64
C VAL A 230 6.87 -1.87 6.62
N TYR A 231 6.47 -0.68 7.07
CA TYR A 231 5.63 0.25 6.26
C TYR A 231 6.35 1.62 6.20
N THR A 232 6.14 2.32 5.11
CA THR A 232 6.60 3.69 4.98
C THR A 232 5.79 4.56 5.91
N ARG A 233 6.46 5.43 6.66
CA ARG A 233 5.80 6.33 7.64
C ARG A 233 5.37 7.57 6.89
N VAL A 234 4.16 7.48 6.38
CA VAL A 234 3.63 8.53 5.52
C VAL A 234 3.70 9.93 6.18
N SER A 235 3.63 9.94 7.52
CA SER A 235 3.62 11.19 8.29
C SER A 235 4.99 11.89 8.26
N HIS A 236 5.96 11.24 7.60
CA HIS A 236 7.30 11.80 7.51
C HIS A 236 7.64 12.20 6.10
N PHE A 237 6.62 12.24 5.23
CA PHE A 237 6.76 12.43 3.77
C PHE A 237 5.77 13.48 3.26
N LEU A 238 5.10 14.22 4.14
CA LEU A 238 4.12 15.23 3.70
C LEU A 238 4.66 16.41 2.86
N PRO A 239 5.96 16.71 2.98
CA PRO A 239 6.47 17.82 2.15
C PRO A 239 6.78 17.30 0.77
N TRP A 240 7.23 16.04 0.73
CA TRP A 240 7.36 15.33 -0.53
C TRP A 240 6.01 15.18 -1.24
N ILE A 241 4.96 14.77 -0.53
CA ILE A 241 3.66 14.50 -1.19
C ILE A 241 3.03 15.81 -1.71
N ARG A 242 3.01 16.81 -0.83
CA ARG A 242 2.50 18.14 -1.20
C ARG A 242 3.22 18.75 -2.40
N SER A 243 4.54 18.61 -2.42
CA SER A 243 5.35 19.15 -3.50
C SER A 243 5.01 18.62 -4.89
N HIS A 244 4.76 17.32 -4.99
CA HIS A 244 4.44 16.69 -6.27
C HIS A 244 2.95 16.66 -6.59
N THR A 245 2.12 16.95 -5.60
CA THR A 245 0.67 16.91 -5.79
C THR A 245 0.04 18.28 -6.00
N LYS A 246 0.81 19.34 -5.77
CA LYS A 246 0.34 20.71 -6.06
C LYS A 246 0.12 20.97 -7.55
N GLU A 247 0.96 20.37 -8.41
CA GLU A 247 0.78 20.44 -9.86
C GLU A 247 0.62 19.05 -10.51
N GLU A 248 -0.51 18.62 -10.84
C ACT B . 5.31 -6.74 -4.14
O ACT B . 4.79 -7.03 -3.03
OXT ACT B . 6.29 -5.96 -4.29
CH3 ACT B . 4.71 -7.38 -5.35
N1 D56 C . 8.43 -6.28 -7.41
C2 D56 C . 9.05 -6.48 -8.72
C3 D56 C . 8.03 -7.00 -9.72
C4 D56 C . 6.84 -6.04 -9.83
C5 D56 C . 6.27 -5.72 -8.46
C6 D56 C . 7.38 -5.25 -7.51
C7 D56 C . 9.25 -6.18 -6.25
C8 D56 C . 10.43 -5.45 -6.27
C9 D56 C . 11.23 -5.34 -5.13
CL D56 C . 12.68 -4.41 -5.20
C11 D56 C . 10.83 -5.95 -3.94
C12 D56 C . 9.65 -6.71 -3.91
N13 D56 C . 9.28 -7.30 -2.69
C14 D56 C . 8.60 -8.44 -2.50
O15 D56 C . 8.46 -9.27 -3.37
C16 D56 C . 8.00 -8.60 -1.15
C17 D56 C . 7.24 -7.57 -0.63
C18 D56 C . 6.63 -7.68 0.62
C10 D56 C . 13.47 -6.72 -1.49
C19 D56 C . 5.80 -6.55 1.18
C20 D56 C . 6.81 -8.87 1.34
O21 D56 C . 6.23 -8.99 2.58
C22 D56 C . 6.90 -8.35 3.68
C23 D56 C . 5.85 -7.80 4.63
N24 D56 C . 5.78 -8.63 5.86
C28 D56 C . 7.58 -9.93 0.82
C29 D56 C . 7.77 -11.19 1.61
C30 D56 C . 8.17 -9.77 -0.43
C31 D56 C . 8.88 -6.79 -5.06
O12 D56 C . 11.60 -5.91 -2.80
C13 D56 C . 12.46 -7.06 -2.54
#